data_1UK4
#
_entry.id   1UK4
#
_cell.length_a   52.633
_cell.length_b   97.735
_cell.length_c   67.931
_cell.angle_alpha   90.00
_cell.angle_beta   102.79
_cell.angle_gamma   90.00
#
_symmetry.space_group_name_H-M   'P 1 21 1'
#
loop_
_entity.id
_entity.type
_entity.pdbx_description
1 polymer '3C-like proteinase nsp5'
2 polymer '5-mer peptide of inhibitor'
3 water water
#
loop_
_entity_poly.entity_id
_entity_poly.type
_entity_poly.pdbx_seq_one_letter_code
_entity_poly.pdbx_strand_id
1 'polypeptide(L)'
;SGFRKMAFPSGKVEGCMVQVTCGTTTLNGLWLDDTVYCPRHVICTAEDMLNPNYEDLLIRKSNHSFLVQAGNVQLRVIGH
SMQNCLLRLKVDTSNPKTPKYKFVRIQPGQTFSVLACYNGSPSGVYQCAMRPNHTIKGSFLNGSCGSVGFNIDYDCVSFC
YMHHMELPTGVHAGTDLEGKFYGPFVDRQTAQAAGTDTTITLNVLAWLYAAVINGDRWFLNRFTTTLNDFNLVAMKYNYE
PLTQDHVDILGPLSAQTGIAVLDMCAALKELLQNGMNGRTILGSTILEDEFTPFDVVRQCSGVTFQ
;
A,B
2 'polypeptide(L)' NSTLQ(0QE) G,H,K
#
loop_
_chem_comp.id
_chem_comp.type
_chem_comp.name
_chem_comp.formula
0QE non-polymer chloromethane 'C H3 Cl'
#
# COMPACT_ATOMS: atom_id res chain seq x y z
N PHE A 3 -5.99 3.78 -10.51
CA PHE A 3 -6.76 3.89 -9.24
C PHE A 3 -6.28 2.83 -8.25
N ARG A 4 -5.08 3.02 -7.70
CA ARG A 4 -4.48 2.08 -6.75
C ARG A 4 -5.20 1.90 -5.40
N LYS A 5 -4.92 0.79 -4.72
CA LYS A 5 -5.49 0.50 -3.41
C LYS A 5 -4.55 1.13 -2.39
N MET A 6 -4.94 2.28 -1.84
CA MET A 6 -4.09 2.96 -0.87
C MET A 6 -4.29 2.59 0.59
N ALA A 7 -3.18 2.52 1.32
CA ALA A 7 -3.21 2.22 2.74
C ALA A 7 -3.13 3.55 3.48
N PHE A 8 -3.69 3.56 4.68
CA PHE A 8 -3.66 4.75 5.52
C PHE A 8 -2.22 4.97 5.97
N PRO A 9 -1.84 6.24 6.24
CA PRO A 9 -0.47 6.48 6.69
C PRO A 9 -0.33 5.60 7.96
N SER A 10 0.82 4.96 8.14
CA SER A 10 0.98 4.05 9.28
C SER A 10 1.72 4.57 10.51
N GLY A 11 2.10 5.85 10.52
CA GLY A 11 2.82 6.41 11.66
C GLY A 11 2.22 6.18 13.05
N LYS A 12 0.96 6.56 13.23
CA LYS A 12 0.31 6.44 14.54
C LYS A 12 0.29 5.02 15.10
N VAL A 13 0.31 4.05 14.20
CA VAL A 13 0.27 2.66 14.60
C VAL A 13 1.67 2.09 14.84
N GLU A 14 2.64 2.60 14.09
CA GLU A 14 4.03 2.17 14.23
C GLU A 14 4.53 2.48 15.63
N GLY A 15 4.10 3.62 16.16
CA GLY A 15 4.50 4.03 17.49
C GLY A 15 3.87 3.20 18.58
N CYS A 16 3.12 2.17 18.19
CA CYS A 16 2.44 1.29 19.15
C CYS A 16 2.85 -0.15 19.06
N MET A 17 3.80 -0.47 18.18
CA MET A 17 4.23 -1.86 18.02
C MET A 17 5.40 -2.24 18.90
N VAL A 18 5.26 -3.35 19.62
CA VAL A 18 6.33 -3.83 20.48
C VAL A 18 6.52 -5.32 20.23
N GLN A 19 7.65 -5.84 20.71
CA GLN A 19 7.99 -7.24 20.58
C GLN A 19 7.69 -7.92 21.91
N VAL A 20 6.93 -9.02 21.87
CA VAL A 20 6.58 -9.77 23.06
C VAL A 20 7.20 -11.16 23.01
N THR A 21 7.94 -11.51 24.06
CA THR A 21 8.61 -12.80 24.12
C THR A 21 8.33 -13.56 25.43
N CYS A 22 7.75 -14.74 25.29
CA CYS A 22 7.45 -15.61 26.43
C CYS A 22 8.12 -16.94 26.11
N GLY A 23 9.21 -17.24 26.82
CA GLY A 23 9.92 -18.47 26.57
C GLY A 23 10.71 -18.43 25.27
N THR A 24 10.43 -19.37 24.37
CA THR A 24 11.13 -19.45 23.10
C THR A 24 10.23 -18.86 22.00
N THR A 25 9.08 -18.33 22.41
CA THR A 25 8.12 -17.76 21.48
C THR A 25 8.17 -16.23 21.45
N THR A 26 8.18 -15.66 20.25
CA THR A 26 8.22 -14.20 20.07
C THR A 26 7.22 -13.76 19.02
N LEU A 27 6.58 -12.63 19.25
CA LEU A 27 5.61 -12.08 18.31
C LEU A 27 5.33 -10.61 18.62
N ASN A 28 4.57 -9.95 17.75
CA ASN A 28 4.26 -8.54 17.90
C ASN A 28 3.20 -8.21 18.95
N GLY A 29 3.28 -7.00 19.50
CA GLY A 29 2.31 -6.56 20.49
C GLY A 29 1.88 -5.11 20.29
N LEU A 30 0.65 -4.79 20.68
CA LEU A 30 0.12 -3.42 20.54
C LEU A 30 0.12 -2.75 21.92
N TRP A 31 0.89 -1.68 22.05
CA TRP A 31 1.02 -0.96 23.30
C TRP A 31 0.23 0.36 23.34
N LEU A 32 -0.92 0.34 23.99
CA LEU A 32 -1.77 1.53 24.11
C LEU A 32 -1.85 1.88 25.60
N ASP A 33 -1.37 3.07 25.96
CA ASP A 33 -1.34 3.49 27.36
C ASP A 33 -0.50 2.48 28.15
N ASP A 34 -1.02 1.99 29.28
CA ASP A 34 -0.27 1.06 30.13
C ASP A 34 -0.66 -0.39 29.91
N THR A 35 -0.98 -0.74 28.67
CA THR A 35 -1.39 -2.09 28.35
C THR A 35 -0.82 -2.51 27.01
N VAL A 36 -0.48 -3.79 26.90
CA VAL A 36 0.03 -4.38 25.68
C VAL A 36 -0.87 -5.57 25.37
N TYR A 37 -1.40 -5.61 24.15
CA TYR A 37 -2.27 -6.69 23.74
C TYR A 37 -1.46 -7.52 22.75
N CYS A 38 -1.63 -8.85 22.81
CA CYS A 38 -0.92 -9.73 21.89
C CYS A 38 -1.71 -11.03 21.90
N PRO A 39 -1.53 -11.87 20.86
CA PRO A 39 -2.25 -13.15 20.78
C PRO A 39 -1.92 -14.01 22.00
N ARG A 40 -2.94 -14.66 22.57
CA ARG A 40 -2.69 -15.47 23.75
C ARG A 40 -1.78 -16.66 23.48
N HIS A 41 -1.79 -17.19 22.26
CA HIS A 41 -0.93 -18.34 21.97
C HIS A 41 0.55 -17.99 22.03
N VAL A 42 0.88 -16.84 22.64
CA VAL A 42 2.29 -16.45 22.76
C VAL A 42 2.93 -17.31 23.86
N ILE A 43 2.09 -17.82 24.76
CA ILE A 43 2.55 -18.65 25.86
C ILE A 43 2.60 -20.12 25.48
N CYS A 44 2.78 -20.40 24.19
CA CYS A 44 2.83 -21.77 23.68
C CYS A 44 4.13 -22.15 22.95
N THR A 45 4.31 -23.45 22.74
CA THR A 45 5.47 -23.97 22.03
C THR A 45 5.05 -25.18 21.20
N ALA A 46 4.30 -24.91 20.14
CA ALA A 46 3.83 -25.95 19.21
C ALA A 46 2.94 -27.04 19.84
N GLU A 47 3.57 -28.08 20.40
CA GLU A 47 2.82 -29.20 20.97
C GLU A 47 1.57 -28.80 21.77
N ASP A 48 1.64 -27.69 22.50
CA ASP A 48 0.49 -27.25 23.25
C ASP A 48 -0.64 -26.97 22.26
N MET A 49 -0.30 -26.21 21.21
CA MET A 49 -1.23 -25.82 20.15
C MET A 49 -2.30 -26.84 19.76
N LEU A 50 -1.93 -28.11 19.66
CA LEU A 50 -2.88 -29.16 19.28
C LEU A 50 -4.24 -29.00 19.95
N ASN A 51 -4.21 -28.62 21.22
CA ASN A 51 -5.41 -28.42 22.02
C ASN A 51 -4.94 -27.93 23.38
N PRO A 52 -4.23 -26.81 23.41
CA PRO A 52 -3.72 -26.28 24.67
C PRO A 52 -4.81 -25.69 25.54
N ASN A 53 -4.76 -26.00 26.83
CA ASN A 53 -5.73 -25.44 27.76
C ASN A 53 -5.01 -24.17 28.23
N TYR A 54 -5.28 -23.07 27.53
CA TYR A 54 -4.65 -21.80 27.85
C TYR A 54 -4.84 -21.40 29.30
N GLU A 55 -6.09 -21.33 29.73
CA GLU A 55 -6.41 -20.96 31.10
C GLU A 55 -5.41 -21.58 32.07
N ASP A 56 -5.22 -22.88 31.98
CA ASP A 56 -4.31 -23.61 32.86
C ASP A 56 -2.82 -23.44 32.53
N LEU A 57 -2.53 -23.08 31.29
CA LEU A 57 -1.16 -22.89 30.85
C LEU A 57 -0.67 -21.49 31.25
N LEU A 58 -1.63 -20.63 31.57
CA LEU A 58 -1.35 -19.25 31.97
C LEU A 58 -1.12 -19.18 33.47
N ILE A 59 -1.83 -20.04 34.21
CA ILE A 59 -1.73 -20.10 35.67
C ILE A 59 -0.28 -20.33 36.10
N ARG A 60 0.50 -21.01 35.26
CA ARG A 60 1.90 -21.29 35.57
C ARG A 60 2.81 -20.12 35.15
N LYS A 61 2.24 -19.12 34.49
CA LYS A 61 3.02 -17.96 34.03
C LYS A 61 3.02 -16.81 35.04
N SER A 62 4.10 -16.03 35.04
CA SER A 62 4.23 -14.88 35.93
C SER A 62 4.68 -13.68 35.08
N ASN A 63 4.46 -12.48 35.59
CA ASN A 63 4.84 -11.28 34.86
C ASN A 63 6.25 -11.35 34.31
N HIS A 64 7.17 -11.96 35.05
CA HIS A 64 8.55 -12.07 34.57
C HIS A 64 8.64 -13.10 33.46
N SER A 65 7.59 -13.89 33.28
CA SER A 65 7.56 -14.89 32.21
C SER A 65 7.49 -14.17 30.87
N PHE A 66 7.10 -12.90 30.90
CA PHE A 66 6.94 -12.09 29.69
C PHE A 66 8.00 -11.02 29.51
N LEU A 67 8.61 -10.98 28.34
CA LEU A 67 9.64 -9.99 28.03
C LEU A 67 9.15 -9.06 26.90
N VAL A 68 8.51 -7.95 27.30
CA VAL A 68 8.00 -6.96 26.34
C VAL A 68 9.12 -5.99 25.98
N GLN A 69 9.29 -5.74 24.69
CA GLN A 69 10.34 -4.82 24.22
C GLN A 69 9.88 -3.82 23.18
N ALA A 70 10.25 -2.56 23.40
CA ALA A 70 9.92 -1.48 22.48
C ALA A 70 11.28 -0.88 22.14
N GLY A 71 11.72 -1.09 20.91
CA GLY A 71 13.03 -0.61 20.53
C GLY A 71 13.98 -1.46 21.33
N ASN A 72 14.99 -0.85 21.94
CA ASN A 72 15.95 -1.60 22.73
C ASN A 72 15.47 -1.61 24.19
N VAL A 73 14.77 -0.55 24.57
CA VAL A 73 14.25 -0.41 25.93
C VAL A 73 13.37 -1.60 26.31
N GLN A 74 13.41 -1.98 27.59
CA GLN A 74 12.60 -3.10 28.06
C GLN A 74 11.46 -2.56 28.90
N LEU A 75 10.26 -3.07 28.63
CA LEU A 75 9.06 -2.64 29.32
C LEU A 75 8.68 -3.63 30.42
N ARG A 76 8.80 -3.20 31.66
CA ARG A 76 8.48 -4.02 32.82
C ARG A 76 6.98 -4.32 32.95
N VAL A 77 6.64 -5.61 32.89
CA VAL A 77 5.26 -6.05 33.00
C VAL A 77 4.87 -6.26 34.45
N ILE A 78 3.79 -5.60 34.86
CA ILE A 78 3.30 -5.67 36.22
C ILE A 78 1.90 -6.25 36.34
N GLY A 79 1.51 -7.10 35.40
CA GLY A 79 0.19 -7.68 35.45
C GLY A 79 -0.16 -8.40 34.17
N HIS A 80 -1.02 -9.42 34.26
CA HIS A 80 -1.42 -10.17 33.08
C HIS A 80 -2.77 -10.86 33.25
N SER A 81 -3.58 -10.79 32.21
CA SER A 81 -4.89 -11.42 32.21
C SER A 81 -5.16 -11.92 30.81
N MET A 82 -6.31 -12.57 30.63
CA MET A 82 -6.69 -13.12 29.34
C MET A 82 -8.09 -12.62 29.00
N GLN A 83 -8.29 -12.21 27.75
CA GLN A 83 -9.59 -11.75 27.30
C GLN A 83 -9.84 -12.51 26.02
N ASN A 84 -10.67 -13.54 26.11
CA ASN A 84 -10.97 -14.38 24.96
C ASN A 84 -9.63 -14.84 24.43
N CYS A 85 -9.39 -14.65 23.13
CA CYS A 85 -8.12 -15.08 22.55
C CYS A 85 -6.94 -14.13 22.72
N LEU A 86 -7.13 -13.05 23.45
CA LEU A 86 -6.04 -12.10 23.66
C LEU A 86 -5.44 -12.15 25.05
N LEU A 87 -4.28 -11.52 25.17
CA LEU A 87 -3.56 -11.44 26.43
C LEU A 87 -3.37 -9.95 26.70
N ARG A 88 -3.78 -9.50 27.88
CA ARG A 88 -3.64 -8.10 28.25
C ARG A 88 -2.55 -7.99 29.30
N LEU A 89 -1.41 -7.44 28.90
CA LEU A 89 -0.28 -7.29 29.81
C LEU A 89 -0.17 -5.85 30.29
N LYS A 90 -0.33 -5.62 31.59
CA LYS A 90 -0.18 -4.27 32.11
C LYS A 90 1.32 -3.99 32.19
N VAL A 91 1.69 -2.74 31.97
CA VAL A 91 3.09 -2.37 32.04
C VAL A 91 3.23 -1.15 32.94
N ASP A 92 4.40 -1.02 33.56
CA ASP A 92 4.68 0.08 34.46
C ASP A 92 4.87 1.41 33.72
N THR A 93 4.68 1.40 32.41
CA THR A 93 4.87 2.62 31.62
C THR A 93 3.80 2.86 30.56
N SER A 94 3.27 4.08 30.54
CA SER A 94 2.23 4.44 29.56
C SER A 94 2.88 4.93 28.27
N ASN A 95 2.44 4.40 27.13
CA ASN A 95 3.01 4.75 25.84
C ASN A 95 2.85 6.21 25.46
N PRO A 96 3.98 6.96 25.45
CA PRO A 96 4.01 8.39 25.12
C PRO A 96 3.57 8.68 23.68
N LYS A 97 3.48 7.62 22.87
CA LYS A 97 3.05 7.78 21.48
C LYS A 97 1.64 7.25 21.27
N THR A 98 0.92 7.00 22.36
CA THR A 98 -0.46 6.51 22.26
C THR A 98 -1.31 7.51 21.48
N PRO A 99 -1.94 7.05 20.39
CA PRO A 99 -2.78 7.93 19.57
C PRO A 99 -4.23 7.81 20.04
N LYS A 100 -5.10 8.71 19.57
CA LYS A 100 -6.51 8.63 19.93
C LYS A 100 -7.00 7.35 19.26
N TYR A 101 -7.69 6.48 20.00
CA TYR A 101 -8.13 5.25 19.39
C TYR A 101 -9.48 4.71 19.82
N LYS A 102 -9.89 3.64 19.13
CA LYS A 102 -11.15 2.93 19.36
C LYS A 102 -10.90 1.48 18.96
N PHE A 103 -11.78 0.60 19.43
CA PHE A 103 -11.73 -0.81 19.10
C PHE A 103 -13.08 -1.06 18.43
N VAL A 104 -13.08 -1.52 17.19
CA VAL A 104 -14.36 -1.79 16.51
C VAL A 104 -14.30 -3.11 15.76
N ARG A 105 -15.42 -3.81 15.71
CA ARG A 105 -15.45 -5.08 14.99
C ARG A 105 -15.90 -4.74 13.58
N ILE A 106 -15.03 -5.07 12.63
CA ILE A 106 -15.28 -4.81 11.22
C ILE A 106 -16.34 -5.79 10.70
N GLN A 107 -17.01 -5.40 9.62
CA GLN A 107 -18.03 -6.24 9.03
C GLN A 107 -17.56 -6.89 7.73
N PRO A 108 -18.06 -8.10 7.45
CA PRO A 108 -17.65 -8.78 6.22
C PRO A 108 -17.68 -7.84 5.02
N GLY A 109 -16.63 -7.86 4.21
CA GLY A 109 -16.59 -7.02 3.04
C GLY A 109 -15.94 -5.66 3.23
N GLN A 110 -15.90 -5.19 4.47
CA GLN A 110 -15.29 -3.90 4.77
C GLN A 110 -13.76 -4.02 4.68
N THR A 111 -13.07 -2.90 4.54
CA THR A 111 -11.62 -2.96 4.43
C THR A 111 -10.87 -2.21 5.52
N PHE A 112 -9.55 -2.35 5.48
CA PHE A 112 -8.66 -1.71 6.45
C PHE A 112 -7.20 -1.85 6.04
N SER A 113 -6.34 -1.17 6.77
CA SER A 113 -4.92 -1.22 6.49
C SER A 113 -4.31 -2.18 7.48
N VAL A 114 -3.26 -2.87 7.05
CA VAL A 114 -2.56 -3.83 7.88
C VAL A 114 -1.07 -3.47 7.95
N LEU A 115 -0.55 -3.35 9.17
CA LEU A 115 0.88 -3.07 9.32
C LEU A 115 1.55 -4.41 9.67
N ALA A 116 2.20 -5.02 8.70
CA ALA A 116 2.89 -6.30 8.93
C ALA A 116 4.14 -6.06 9.78
N CYS A 117 4.22 -6.77 10.90
CA CYS A 117 5.36 -6.62 11.80
C CYS A 117 6.08 -7.93 12.09
N TYR A 118 7.38 -7.82 12.33
CA TYR A 118 8.20 -8.98 12.59
C TYR A 118 9.07 -8.81 13.81
N ASN A 119 8.55 -9.33 14.92
CA ASN A 119 9.21 -9.28 16.21
C ASN A 119 9.44 -7.83 16.65
N GLY A 120 8.36 -7.05 16.65
CA GLY A 120 8.43 -5.67 17.07
C GLY A 120 8.72 -4.63 15.99
N SER A 121 9.20 -5.07 14.84
CA SER A 121 9.54 -4.14 13.77
C SER A 121 8.61 -4.12 12.56
N PRO A 122 7.95 -2.97 12.32
CA PRO A 122 7.03 -2.77 11.20
C PRO A 122 7.79 -2.95 9.87
N SER A 123 7.40 -3.96 9.09
CA SER A 123 8.06 -4.22 7.82
C SER A 123 7.47 -3.45 6.66
N GLY A 124 6.15 -3.57 6.47
CA GLY A 124 5.47 -2.87 5.40
C GLY A 124 3.99 -2.66 5.72
N VAL A 125 3.30 -1.93 4.87
CA VAL A 125 1.90 -1.67 5.07
C VAL A 125 1.13 -1.93 3.78
N TYR A 126 -0.08 -2.46 3.90
CA TYR A 126 -0.92 -2.74 2.73
C TYR A 126 -2.41 -2.75 3.07
N GLN A 127 -3.23 -2.62 2.04
CA GLN A 127 -4.67 -2.57 2.18
C GLN A 127 -5.30 -3.90 1.81
N CYS A 128 -6.33 -4.29 2.55
CA CYS A 128 -7.03 -5.54 2.28
C CYS A 128 -8.50 -5.39 2.68
N ALA A 129 -9.25 -6.47 2.50
CA ALA A 129 -10.66 -6.48 2.84
C ALA A 129 -11.03 -7.74 3.63
N MET A 130 -11.97 -7.60 4.56
CA MET A 130 -12.41 -8.75 5.34
C MET A 130 -13.30 -9.53 4.40
N ARG A 131 -12.79 -10.68 3.98
CA ARG A 131 -13.50 -11.53 3.04
C ARG A 131 -14.82 -12.08 3.57
N PRO A 132 -15.80 -12.30 2.67
CA PRO A 132 -17.09 -12.82 3.08
C PRO A 132 -16.93 -14.12 3.90
N ASN A 133 -15.96 -14.93 3.51
CA ASN A 133 -15.72 -16.18 4.22
C ASN A 133 -15.00 -15.94 5.53
N HIS A 134 -14.87 -14.67 5.93
CA HIS A 134 -14.24 -14.29 7.19
C HIS A 134 -12.73 -14.49 7.32
N THR A 135 -12.02 -14.44 6.21
CA THR A 135 -10.57 -14.57 6.24
C THR A 135 -10.01 -13.40 5.43
N ILE A 136 -8.70 -13.16 5.53
CA ILE A 136 -8.09 -12.09 4.75
C ILE A 136 -6.96 -12.63 3.89
N LYS A 137 -6.88 -12.14 2.65
CA LYS A 137 -5.84 -12.56 1.73
C LYS A 137 -4.70 -11.55 1.88
N GLY A 138 -3.90 -11.72 2.91
CA GLY A 138 -2.81 -10.80 3.15
C GLY A 138 -1.45 -11.42 2.87
N SER A 139 -0.44 -10.97 3.61
CA SER A 139 0.90 -11.49 3.43
C SER A 139 1.63 -11.48 4.77
N PHE A 140 1.60 -12.61 5.45
CA PHE A 140 2.27 -12.72 6.76
C PHE A 140 3.25 -13.90 6.77
N LEU A 141 4.51 -13.61 7.05
CA LEU A 141 5.52 -14.62 7.12
C LEU A 141 5.66 -14.97 8.62
N ASN A 142 6.79 -15.52 9.02
CA ASN A 142 7.04 -15.94 10.39
C ASN A 142 7.26 -14.82 11.37
N GLY A 143 6.55 -14.87 12.49
CA GLY A 143 6.66 -13.85 13.54
C GLY A 143 5.86 -12.58 13.31
N SER A 144 4.83 -12.65 12.47
CA SER A 144 4.01 -11.48 12.20
C SER A 144 2.70 -11.49 12.99
N CYS A 145 2.56 -12.47 13.86
CA CYS A 145 1.37 -12.57 14.69
C CYS A 145 1.35 -11.35 15.59
N GLY A 146 0.17 -10.77 15.77
CA GLY A 146 0.07 -9.61 16.61
C GLY A 146 0.02 -8.38 15.73
N SER A 147 0.22 -8.56 14.43
CA SER A 147 0.16 -7.43 13.50
C SER A 147 -1.29 -6.99 13.51
N VAL A 148 -1.55 -5.71 13.26
CA VAL A 148 -2.92 -5.25 13.33
C VAL A 148 -3.46 -4.49 12.13
N GLY A 149 -4.78 -4.54 12.01
CA GLY A 149 -5.48 -3.85 10.94
C GLY A 149 -6.17 -2.63 11.53
N PHE A 150 -6.30 -1.58 10.75
CA PHE A 150 -6.91 -0.37 11.26
C PHE A 150 -7.40 0.54 10.14
N ASN A 151 -8.21 1.51 10.53
CA ASN A 151 -8.77 2.51 9.63
C ASN A 151 -8.50 3.83 10.35
N ILE A 152 -8.40 4.93 9.62
CA ILE A 152 -8.18 6.22 10.26
C ILE A 152 -9.26 7.21 9.88
N ASP A 153 -9.68 8.01 10.85
CA ASP A 153 -10.71 9.02 10.64
C ASP A 153 -10.22 10.23 11.40
N TYR A 154 -9.70 11.19 10.67
CA TYR A 154 -9.16 12.40 11.25
C TYR A 154 -7.95 12.03 12.10
N ASP A 155 -8.15 12.11 13.42
CA ASP A 155 -7.10 11.82 14.40
C ASP A 155 -7.27 10.47 15.11
N CYS A 156 -8.45 9.87 14.97
CA CYS A 156 -8.75 8.60 15.63
C CYS A 156 -8.45 7.32 14.88
N VAL A 157 -7.63 6.48 15.49
CA VAL A 157 -7.26 5.22 14.89
C VAL A 157 -8.23 4.14 15.36
N SER A 158 -8.90 3.50 14.41
CA SER A 158 -9.83 2.44 14.76
C SER A 158 -9.21 1.08 14.48
N PHE A 159 -8.85 0.39 15.55
CA PHE A 159 -8.24 -0.93 15.47
C PHE A 159 -9.36 -1.94 15.32
N CYS A 160 -9.28 -2.77 14.27
CA CYS A 160 -10.30 -3.78 14.01
C CYS A 160 -9.79 -5.21 13.87
N TYR A 161 -8.50 -5.36 13.63
CA TYR A 161 -7.96 -6.70 13.42
C TYR A 161 -6.57 -6.97 14.03
N MET A 162 -6.39 -8.19 14.53
CA MET A 162 -5.12 -8.65 15.08
C MET A 162 -4.89 -10.06 14.52
N HIS A 163 -3.70 -10.28 13.96
CA HIS A 163 -3.38 -11.55 13.32
C HIS A 163 -2.95 -12.70 14.23
N HIS A 164 -3.61 -13.85 14.06
CA HIS A 164 -3.30 -15.03 14.87
C HIS A 164 -2.86 -16.24 14.04
N MET A 165 -3.78 -16.79 13.24
CA MET A 165 -3.51 -18.00 12.46
C MET A 165 -3.34 -17.80 10.96
N GLU A 166 -2.87 -18.86 10.31
CA GLU A 166 -2.72 -18.91 8.86
C GLU A 166 -3.51 -20.17 8.53
N LEU A 167 -4.28 -20.15 7.44
CA LEU A 167 -5.07 -21.31 7.10
C LEU A 167 -4.42 -22.10 5.98
N PRO A 168 -4.67 -23.41 5.92
CA PRO A 168 -4.08 -24.25 4.86
C PRO A 168 -4.34 -23.71 3.48
N THR A 169 -5.33 -22.83 3.36
CA THR A 169 -5.68 -22.23 2.09
C THR A 169 -4.63 -21.20 1.67
N GLY A 170 -3.82 -20.77 2.64
CA GLY A 170 -2.81 -19.75 2.38
C GLY A 170 -3.44 -18.41 2.76
N VAL A 171 -4.56 -18.50 3.46
CA VAL A 171 -5.32 -17.34 3.90
C VAL A 171 -4.94 -17.02 5.35
N HIS A 172 -5.64 -16.05 5.93
CA HIS A 172 -5.34 -15.66 7.29
C HIS A 172 -6.55 -15.44 8.20
N ALA A 173 -6.41 -15.88 9.45
CA ALA A 173 -7.47 -15.75 10.43
C ALA A 173 -6.99 -14.85 11.56
N GLY A 174 -7.93 -14.12 12.16
CA GLY A 174 -7.59 -13.22 13.25
C GLY A 174 -8.76 -12.84 14.14
N THR A 175 -8.51 -11.88 15.02
CA THR A 175 -9.53 -11.43 15.96
C THR A 175 -9.61 -9.92 15.98
N ASP A 176 -10.58 -9.39 16.72
CA ASP A 176 -10.72 -7.96 16.87
C ASP A 176 -9.92 -7.66 18.15
N LEU A 177 -9.81 -6.40 18.53
CA LEU A 177 -9.05 -6.07 19.73
C LEU A 177 -9.72 -6.42 21.05
N GLU A 178 -10.62 -7.41 20.99
CA GLU A 178 -11.31 -7.91 22.17
C GLU A 178 -11.02 -9.39 22.25
N GLY A 179 -10.24 -9.87 21.29
CA GLY A 179 -9.85 -11.26 21.27
C GLY A 179 -10.79 -12.24 20.61
N LYS A 180 -11.96 -11.78 20.17
CA LYS A 180 -12.91 -12.67 19.52
C LYS A 180 -12.60 -12.81 18.04
N PHE A 181 -12.51 -14.05 17.58
CA PHE A 181 -12.22 -14.35 16.20
C PHE A 181 -13.30 -13.95 15.18
N TYR A 182 -12.84 -13.72 13.95
CA TYR A 182 -13.72 -13.40 12.85
C TYR A 182 -13.90 -14.78 12.21
N GLY A 183 -15.14 -15.22 12.07
CA GLY A 183 -15.39 -16.53 11.50
C GLY A 183 -15.34 -17.62 12.56
N PRO A 184 -15.59 -18.88 12.20
CA PRO A 184 -15.57 -20.02 13.13
C PRO A 184 -14.21 -20.35 13.76
N PHE A 185 -13.15 -20.11 13.00
CA PHE A 185 -11.79 -20.39 13.42
C PHE A 185 -11.49 -20.30 14.93
N VAL A 186 -10.56 -21.16 15.36
CA VAL A 186 -10.11 -21.24 16.74
C VAL A 186 -8.59 -21.18 16.74
N ASP A 187 -8.01 -20.71 17.84
CA ASP A 187 -6.55 -20.59 17.91
C ASP A 187 -5.82 -21.84 18.35
N ARG A 188 -6.25 -22.98 17.83
CA ARG A 188 -5.61 -24.26 18.15
C ARG A 188 -5.12 -24.85 16.84
N GLN A 189 -4.61 -26.07 16.90
CA GLN A 189 -4.13 -26.73 15.70
C GLN A 189 -5.12 -27.82 15.30
N THR A 190 -6.03 -27.50 14.38
CA THR A 190 -7.03 -28.47 13.97
C THR A 190 -7.23 -28.61 12.46
N ALA A 191 -8.38 -29.18 12.10
CA ALA A 191 -8.76 -29.43 10.72
C ALA A 191 -9.12 -28.15 10.00
N GLN A 192 -10.04 -27.39 10.61
CA GLN A 192 -10.56 -26.12 10.12
C GLN A 192 -10.01 -25.56 8.82
N ALA A 193 -10.92 -25.24 7.91
CA ALA A 193 -10.57 -24.68 6.62
C ALA A 193 -11.55 -23.55 6.27
N ALA A 194 -11.13 -22.68 5.37
CA ALA A 194 -11.95 -21.55 4.94
C ALA A 194 -13.17 -22.03 4.16
N GLY A 195 -14.33 -21.47 4.48
CA GLY A 195 -15.53 -21.82 3.73
C GLY A 195 -15.34 -21.19 2.36
N THR A 196 -16.17 -21.54 1.39
CA THR A 196 -16.01 -20.93 0.07
C THR A 196 -16.29 -19.43 0.13
N ASP A 197 -15.57 -18.70 -0.72
CA ASP A 197 -15.67 -17.25 -0.80
C ASP A 197 -16.56 -16.81 -1.97
N THR A 198 -17.08 -15.59 -1.88
CA THR A 198 -17.89 -15.02 -2.95
C THR A 198 -17.32 -13.64 -3.25
N THR A 199 -17.82 -13.01 -4.32
CA THR A 199 -17.39 -11.67 -4.72
C THR A 199 -18.19 -10.64 -3.94
N ILE A 200 -17.51 -9.64 -3.39
CA ILE A 200 -18.19 -8.60 -2.61
C ILE A 200 -18.93 -7.65 -3.55
N THR A 201 -20.16 -8.04 -3.91
CA THR A 201 -20.99 -7.27 -4.82
C THR A 201 -21.04 -5.78 -4.50
N LEU A 202 -21.22 -5.46 -3.23
CA LEU A 202 -21.28 -4.05 -2.80
C LEU A 202 -20.05 -3.23 -3.22
N ASN A 203 -18.84 -3.74 -2.98
CA ASN A 203 -17.64 -3.00 -3.38
C ASN A 203 -17.49 -2.90 -4.89
N VAL A 204 -17.77 -3.98 -5.62
CA VAL A 204 -17.68 -3.93 -7.08
C VAL A 204 -18.53 -2.74 -7.53
N LEU A 205 -19.73 -2.64 -6.96
CA LEU A 205 -20.62 -1.55 -7.32
C LEU A 205 -19.98 -0.21 -7.00
N ALA A 206 -19.34 -0.11 -5.85
CA ALA A 206 -18.70 1.14 -5.44
C ALA A 206 -17.62 1.52 -6.42
N TRP A 207 -16.93 0.49 -6.90
CA TRP A 207 -15.84 0.66 -7.84
C TRP A 207 -16.33 1.23 -9.16
N LEU A 208 -17.46 0.72 -9.63
CA LEU A 208 -18.05 1.20 -10.88
C LEU A 208 -18.40 2.68 -10.76
N TYR A 209 -19.01 3.06 -9.63
CA TYR A 209 -19.36 4.46 -9.43
C TYR A 209 -18.07 5.28 -9.53
N ALA A 210 -17.00 4.75 -8.96
CA ALA A 210 -15.69 5.40 -9.02
C ALA A 210 -15.32 5.59 -10.49
N ALA A 211 -15.49 4.53 -11.26
CA ALA A 211 -15.16 4.57 -12.67
C ALA A 211 -15.94 5.69 -13.32
N VAL A 212 -17.25 5.70 -13.09
CA VAL A 212 -18.09 6.75 -13.66
C VAL A 212 -17.63 8.12 -13.19
N ILE A 213 -17.23 8.22 -11.93
CA ILE A 213 -16.78 9.50 -11.40
C ILE A 213 -15.54 10.03 -12.11
N ASN A 214 -14.61 9.14 -12.45
CA ASN A 214 -13.40 9.57 -13.14
C ASN A 214 -13.56 9.65 -14.66
N GLY A 215 -14.78 9.45 -15.15
CA GLY A 215 -15.01 9.54 -16.58
C GLY A 215 -15.05 8.25 -17.38
N ASP A 216 -14.96 7.11 -16.71
CA ASP A 216 -15.01 5.81 -17.36
C ASP A 216 -16.44 5.29 -17.26
N ARG A 217 -17.26 5.49 -18.29
CA ARG A 217 -18.66 5.09 -18.23
C ARG A 217 -19.25 4.32 -19.40
N TRP A 218 -18.41 3.65 -20.19
CA TRP A 218 -18.94 2.92 -21.34
C TRP A 218 -19.91 1.80 -20.94
N PHE A 219 -19.62 1.13 -19.84
CA PHE A 219 -20.44 0.03 -19.35
C PHE A 219 -21.88 0.40 -18.95
N LEU A 220 -22.20 1.68 -18.86
CA LEU A 220 -23.56 2.10 -18.49
C LEU A 220 -24.57 1.80 -19.60
N ASN A 221 -25.85 1.68 -19.26
CA ASN A 221 -26.89 1.41 -20.24
C ASN A 221 -28.19 2.18 -19.99
N ARG A 222 -29.16 1.97 -20.89
CA ARG A 222 -30.47 2.62 -20.84
C ARG A 222 -31.51 1.93 -19.95
N PHE A 223 -31.20 0.73 -19.47
CA PHE A 223 -32.16 0.00 -18.66
C PHE A 223 -31.90 -0.05 -17.16
N THR A 224 -32.70 -0.85 -16.48
CA THR A 224 -32.59 -1.02 -15.04
C THR A 224 -32.95 -2.46 -14.70
N THR A 225 -33.00 -2.77 -13.41
CA THR A 225 -33.34 -4.13 -12.99
C THR A 225 -34.01 -4.20 -11.62
N THR A 226 -34.52 -5.37 -11.29
CA THR A 226 -35.16 -5.56 -10.02
C THR A 226 -34.08 -6.16 -9.11
N LEU A 227 -34.12 -5.84 -7.81
CA LEU A 227 -33.13 -6.36 -6.88
C LEU A 227 -33.09 -7.87 -6.95
N ASN A 228 -34.27 -8.46 -7.10
CA ASN A 228 -34.43 -9.90 -7.19
C ASN A 228 -33.81 -10.44 -8.48
N ASP A 229 -34.03 -9.74 -9.59
CA ASP A 229 -33.49 -10.17 -10.88
C ASP A 229 -31.97 -10.07 -10.90
N PHE A 230 -31.43 -9.08 -10.19
CA PHE A 230 -29.98 -8.92 -10.15
C PHE A 230 -29.33 -10.04 -9.35
N ASN A 231 -29.94 -10.41 -8.23
CA ASN A 231 -29.37 -11.48 -7.40
C ASN A 231 -29.41 -12.80 -8.17
N LEU A 232 -30.46 -13.02 -8.94
CA LEU A 232 -30.53 -14.26 -9.71
C LEU A 232 -29.33 -14.36 -10.65
N VAL A 233 -29.01 -13.27 -11.34
CA VAL A 233 -27.87 -13.28 -12.25
C VAL A 233 -26.57 -13.35 -11.45
N ALA A 234 -26.40 -12.37 -10.57
CA ALA A 234 -25.20 -12.26 -9.73
C ALA A 234 -24.81 -13.58 -9.05
N MET A 235 -25.76 -14.23 -8.38
CA MET A 235 -25.46 -15.48 -7.69
C MET A 235 -24.90 -16.57 -8.59
N LYS A 236 -25.17 -16.47 -9.90
CA LYS A 236 -24.66 -17.46 -10.83
C LYS A 236 -23.16 -17.23 -10.90
N TYR A 237 -22.77 -15.98 -11.07
CA TYR A 237 -21.37 -15.60 -11.17
C TYR A 237 -20.69 -15.55 -9.80
N ASN A 238 -21.29 -16.23 -8.85
CA ASN A 238 -20.76 -16.31 -7.50
C ASN A 238 -20.59 -14.95 -6.80
N TYR A 239 -21.59 -14.08 -6.96
CA TYR A 239 -21.55 -12.77 -6.32
C TYR A 239 -22.39 -12.78 -5.04
N GLU A 240 -21.97 -12.02 -4.04
CA GLU A 240 -22.70 -11.91 -2.79
C GLU A 240 -24.09 -11.40 -3.14
N PRO A 241 -25.13 -11.88 -2.44
CA PRO A 241 -26.47 -11.37 -2.78
C PRO A 241 -26.45 -9.91 -2.36
N LEU A 242 -27.10 -9.05 -3.15
CA LEU A 242 -27.16 -7.65 -2.76
C LEU A 242 -28.39 -7.49 -1.86
N THR A 243 -28.28 -6.65 -0.84
CA THR A 243 -29.42 -6.45 0.05
C THR A 243 -29.81 -4.99 0.08
N GLN A 244 -31.05 -4.77 0.51
CA GLN A 244 -31.63 -3.44 0.63
C GLN A 244 -30.70 -2.56 1.47
N ASP A 245 -30.19 -3.13 2.56
CA ASP A 245 -29.31 -2.40 3.42
C ASP A 245 -28.08 -1.94 2.64
N HIS A 246 -27.66 -2.76 1.68
CA HIS A 246 -26.51 -2.41 0.88
C HIS A 246 -26.82 -1.27 -0.08
N VAL A 247 -27.94 -1.38 -0.77
CA VAL A 247 -28.37 -0.37 -1.72
C VAL A 247 -28.32 1.01 -1.06
N ASP A 248 -28.79 1.06 0.19
CA ASP A 248 -28.81 2.30 0.93
C ASP A 248 -27.42 2.82 1.24
N ILE A 249 -26.44 1.91 1.35
CA ILE A 249 -25.07 2.36 1.63
C ILE A 249 -24.54 3.09 0.40
N LEU A 250 -25.02 2.69 -0.77
CA LEU A 250 -24.59 3.30 -2.03
C LEU A 250 -25.26 4.66 -2.32
N GLY A 251 -26.14 5.08 -1.41
CA GLY A 251 -26.85 6.34 -1.56
C GLY A 251 -26.01 7.54 -1.99
N PRO A 252 -24.99 7.91 -1.22
CA PRO A 252 -24.12 9.05 -1.56
C PRO A 252 -23.49 8.98 -2.95
N LEU A 253 -22.81 7.88 -3.28
CA LEU A 253 -22.21 7.77 -4.61
C LEU A 253 -23.29 7.90 -5.67
N SER A 254 -24.43 7.24 -5.44
CA SER A 254 -25.56 7.30 -6.34
C SER A 254 -26.04 8.76 -6.47
N ALA A 255 -26.06 9.48 -5.35
CA ALA A 255 -26.50 10.88 -5.37
C ALA A 255 -25.47 11.72 -6.13
N GLN A 256 -24.19 11.42 -5.91
CA GLN A 256 -23.13 12.15 -6.58
C GLN A 256 -23.20 12.00 -8.11
N THR A 257 -23.42 10.76 -8.57
CA THR A 257 -23.50 10.46 -10.01
C THR A 257 -24.90 10.54 -10.63
N GLY A 258 -25.92 10.56 -9.79
CA GLY A 258 -27.27 10.64 -10.33
C GLY A 258 -27.67 9.32 -10.97
N ILE A 259 -26.93 8.26 -10.63
CA ILE A 259 -27.20 6.95 -11.16
C ILE A 259 -27.70 6.03 -10.06
N ALA A 260 -28.96 5.63 -10.20
CA ALA A 260 -29.63 4.77 -9.23
C ALA A 260 -28.95 3.42 -9.10
N VAL A 261 -28.83 2.95 -7.86
CA VAL A 261 -28.18 1.68 -7.58
C VAL A 261 -28.62 0.56 -8.51
N LEU A 262 -29.92 0.48 -8.75
CA LEU A 262 -30.44 -0.58 -9.61
C LEU A 262 -30.15 -0.36 -11.08
N ASP A 263 -29.84 0.88 -11.46
CA ASP A 263 -29.49 1.16 -12.86
C ASP A 263 -28.08 0.63 -13.03
N MET A 264 -27.24 0.85 -12.02
CA MET A 264 -25.87 0.39 -12.03
C MET A 264 -25.87 -1.15 -12.00
N CYS A 265 -26.79 -1.72 -11.22
CA CYS A 265 -26.89 -3.18 -11.16
C CYS A 265 -27.16 -3.66 -12.57
N ALA A 266 -28.06 -2.97 -13.25
CA ALA A 266 -28.43 -3.32 -14.62
C ALA A 266 -27.16 -3.35 -15.48
N ALA A 267 -26.28 -2.39 -15.23
CA ALA A 267 -25.04 -2.32 -15.97
C ALA A 267 -24.10 -3.48 -15.57
N LEU A 268 -24.08 -3.81 -14.27
CA LEU A 268 -23.22 -4.87 -13.77
C LEU A 268 -23.68 -6.24 -14.29
N LYS A 269 -24.99 -6.42 -14.36
CA LYS A 269 -25.57 -7.66 -14.84
C LYS A 269 -25.06 -7.90 -16.25
N GLU A 270 -25.06 -6.85 -17.05
CA GLU A 270 -24.61 -6.94 -18.42
C GLU A 270 -23.10 -7.18 -18.46
N LEU A 271 -22.35 -6.48 -17.61
CA LEU A 271 -20.91 -6.67 -17.57
C LEU A 271 -20.59 -8.12 -17.26
N LEU A 272 -21.43 -8.76 -16.47
CA LEU A 272 -21.23 -10.14 -16.08
C LEU A 272 -21.61 -11.18 -17.16
N GLN A 273 -22.64 -10.90 -17.94
CA GLN A 273 -23.09 -11.83 -18.98
C GLN A 273 -22.38 -11.66 -20.32
N ASN A 274 -21.67 -10.55 -20.51
CA ASN A 274 -20.99 -10.31 -21.78
C ASN A 274 -19.48 -10.08 -21.64
N GLY A 275 -19.00 -9.96 -20.41
CA GLY A 275 -17.58 -9.73 -20.22
C GLY A 275 -17.30 -8.31 -20.64
N MET A 276 -16.03 -7.90 -20.62
CA MET A 276 -15.68 -6.55 -21.00
C MET A 276 -15.31 -6.36 -22.46
N ASN A 277 -15.17 -7.45 -23.20
CA ASN A 277 -14.81 -7.37 -24.61
C ASN A 277 -13.48 -6.66 -24.80
N GLY A 278 -12.45 -7.10 -24.10
CA GLY A 278 -11.14 -6.49 -24.23
C GLY A 278 -10.98 -5.09 -23.63
N ARG A 279 -12.09 -4.38 -23.42
CA ARG A 279 -12.05 -3.04 -22.84
C ARG A 279 -11.48 -3.10 -21.41
N THR A 280 -11.42 -1.95 -20.76
CA THR A 280 -10.93 -1.88 -19.38
C THR A 280 -11.73 -0.85 -18.58
N ILE A 281 -11.68 -0.95 -17.25
CA ILE A 281 -12.38 -0.01 -16.39
C ILE A 281 -11.38 0.47 -15.34
N LEU A 282 -11.03 1.76 -15.41
CA LEU A 282 -10.07 2.32 -14.48
C LEU A 282 -8.75 1.56 -14.61
N GLY A 283 -8.54 0.96 -15.78
CA GLY A 283 -7.34 0.18 -16.01
C GLY A 283 -7.60 -1.31 -15.96
N SER A 284 -7.86 -1.82 -14.76
CA SER A 284 -8.13 -3.24 -14.56
C SER A 284 -8.95 -3.87 -15.67
N THR A 285 -8.67 -5.14 -15.93
CA THR A 285 -9.40 -5.88 -16.95
C THR A 285 -10.40 -6.75 -16.24
N ILE A 286 -10.40 -6.68 -14.91
CA ILE A 286 -11.35 -7.42 -14.08
C ILE A 286 -12.12 -6.47 -13.15
N LEU A 287 -13.24 -6.96 -12.62
CA LEU A 287 -14.07 -6.16 -11.73
C LEU A 287 -13.48 -6.20 -10.31
N GLU A 288 -13.00 -5.05 -9.84
CA GLU A 288 -12.43 -4.93 -8.50
C GLU A 288 -13.47 -4.97 -7.38
N ASP A 289 -13.23 -5.79 -6.36
CA ASP A 289 -14.18 -5.86 -5.25
C ASP A 289 -13.57 -5.61 -3.87
N GLU A 290 -12.50 -4.83 -3.80
CA GLU A 290 -11.88 -4.55 -2.51
C GLU A 290 -11.82 -3.06 -2.19
N PHE A 291 -12.74 -2.29 -2.77
CA PHE A 291 -12.85 -0.85 -2.49
C PHE A 291 -14.28 -0.62 -1.98
N THR A 292 -14.40 -0.18 -0.72
CA THR A 292 -15.72 0.06 -0.15
C THR A 292 -16.29 1.37 -0.63
N PRO A 293 -17.60 1.57 -0.40
CA PRO A 293 -18.17 2.85 -0.84
C PRO A 293 -17.37 4.00 -0.20
N PHE A 294 -16.96 3.80 1.04
CA PHE A 294 -16.21 4.82 1.75
C PHE A 294 -14.84 5.08 1.14
N ASP A 295 -14.11 4.04 0.79
CA ASP A 295 -12.78 4.21 0.19
C ASP A 295 -12.89 5.08 -1.06
N VAL A 296 -13.97 4.88 -1.81
CA VAL A 296 -14.25 5.62 -3.04
C VAL A 296 -14.38 7.10 -2.72
N VAL A 297 -15.16 7.40 -1.67
CA VAL A 297 -15.38 8.76 -1.21
C VAL A 297 -14.06 9.33 -0.67
N ARG A 298 -13.29 8.48 -0.02
CA ARG A 298 -12.03 8.90 0.53
C ARG A 298 -11.07 9.33 -0.58
N GLN A 299 -10.63 8.36 -1.37
CA GLN A 299 -9.68 8.60 -2.47
C GLN A 299 -10.08 9.60 -3.54
N CYS A 300 -11.39 9.72 -3.82
CA CYS A 300 -11.84 10.65 -4.85
C CYS A 300 -12.02 12.06 -4.30
N SER A 301 -12.74 12.16 -3.19
CA SER A 301 -12.98 13.45 -2.56
C SER A 301 -11.79 13.83 -1.68
N GLY A 302 -10.59 13.44 -2.15
CA GLY A 302 -9.32 13.70 -1.49
C GLY A 302 -9.22 14.16 -0.04
N VAL A 303 -9.52 13.26 0.89
CA VAL A 303 -9.46 13.57 2.32
C VAL A 303 -8.01 13.58 2.84
N SER B 1 2.35 -16.27 4.05
CA SER B 1 1.93 -16.56 2.65
C SER B 1 1.19 -15.37 2.06
N GLY B 2 0.49 -15.59 0.96
CA GLY B 2 -0.22 -14.52 0.30
C GLY B 2 0.82 -13.58 -0.29
N PHE B 3 0.46 -12.86 -1.35
CA PHE B 3 1.42 -11.94 -1.96
C PHE B 3 0.80 -10.58 -2.25
N ARG B 4 0.83 -9.72 -1.24
CA ARG B 4 0.27 -8.39 -1.32
C ARG B 4 1.32 -7.36 -1.80
N LYS B 5 0.88 -6.37 -2.58
CA LYS B 5 1.76 -5.31 -3.06
C LYS B 5 1.89 -4.37 -1.86
N MET B 6 3.04 -4.46 -1.18
CA MET B 6 3.32 -3.73 0.04
C MET B 6 4.11 -2.44 -0.10
N ALA B 7 3.79 -1.47 0.75
CA ALA B 7 4.50 -0.21 0.73
C ALA B 7 5.24 -0.14 2.08
N PHE B 8 6.35 0.58 2.12
CA PHE B 8 7.11 0.71 3.36
C PHE B 8 6.32 1.52 4.39
N PRO B 9 6.53 1.26 5.68
CA PRO B 9 5.80 2.03 6.71
C PRO B 9 6.14 3.51 6.53
N SER B 10 5.13 4.36 6.47
CA SER B 10 5.31 5.80 6.24
C SER B 10 5.65 6.72 7.42
N GLY B 11 5.62 6.20 8.64
CA GLY B 11 5.91 7.02 9.80
C GLY B 11 7.08 7.99 9.70
N LYS B 12 8.28 7.49 9.44
CA LYS B 12 9.48 8.33 9.34
C LYS B 12 9.39 9.43 8.31
N VAL B 13 8.53 9.24 7.30
CA VAL B 13 8.37 10.26 6.27
C VAL B 13 7.29 11.26 6.68
N GLU B 14 6.22 10.77 7.31
CA GLU B 14 5.13 11.64 7.77
C GLU B 14 5.72 12.76 8.60
N GLY B 15 6.63 12.41 9.51
CA GLY B 15 7.26 13.40 10.36
C GLY B 15 8.14 14.43 9.67
N CYS B 16 8.02 14.53 8.36
CA CYS B 16 8.82 15.48 7.58
C CYS B 16 7.94 16.29 6.63
N MET B 17 6.65 15.99 6.61
CA MET B 17 5.76 16.70 5.71
C MET B 17 5.31 18.05 6.22
N VAL B 18 5.42 19.06 5.36
CA VAL B 18 5.00 20.41 5.69
C VAL B 18 4.34 21.02 4.48
N GLN B 19 3.72 22.17 4.69
CA GLN B 19 3.03 22.90 3.65
C GLN B 19 3.88 24.12 3.32
N VAL B 20 3.99 24.43 2.04
CA VAL B 20 4.76 25.59 1.59
C VAL B 20 3.89 26.42 0.68
N THR B 21 3.82 27.72 0.96
CA THR B 21 3.01 28.64 0.18
C THR B 21 3.81 29.85 -0.30
N CYS B 22 3.42 30.38 -1.43
CA CYS B 22 4.06 31.54 -2.05
C CYS B 22 2.92 32.16 -2.85
N GLY B 23 2.55 33.39 -2.49
CA GLY B 23 1.43 34.01 -3.16
C GLY B 23 0.22 33.13 -2.88
N THR B 24 -0.40 32.62 -3.93
CA THR B 24 -1.58 31.78 -3.77
C THR B 24 -1.25 30.30 -4.01
N THR B 25 -0.02 30.01 -4.42
CA THR B 25 0.38 28.64 -4.70
C THR B 25 0.79 27.82 -3.47
N THR B 26 0.09 26.72 -3.21
CA THR B 26 0.39 25.85 -2.07
C THR B 26 0.60 24.38 -2.44
N LEU B 27 1.66 23.78 -1.93
CA LEU B 27 1.97 22.37 -2.17
C LEU B 27 2.78 21.79 -0.99
N ASN B 28 3.21 20.54 -1.10
CA ASN B 28 3.95 19.90 -0.03
C ASN B 28 5.45 20.13 -0.12
N GLY B 29 6.15 19.92 1.01
CA GLY B 29 7.59 20.09 1.08
C GLY B 29 8.19 19.14 2.10
N LEU B 30 9.49 18.85 1.96
CA LEU B 30 10.19 17.93 2.85
C LEU B 30 11.09 18.67 3.82
N TRP B 31 10.74 18.61 5.10
CA TRP B 31 11.51 19.27 6.14
C TRP B 31 12.47 18.31 6.85
N LEU B 32 13.73 18.36 6.44
CA LEU B 32 14.78 17.53 7.00
C LEU B 32 15.78 18.42 7.72
N ASP B 33 16.00 18.15 8.99
CA ASP B 33 16.91 18.95 9.80
C ASP B 33 16.48 20.43 9.86
N ASP B 34 17.09 21.26 9.02
CA ASP B 34 16.81 22.69 9.02
C ASP B 34 16.54 23.19 7.61
N THR B 35 16.09 22.28 6.74
CA THR B 35 15.83 22.62 5.36
C THR B 35 14.49 22.07 4.86
N VAL B 36 13.92 22.74 3.86
CA VAL B 36 12.65 22.31 3.30
C VAL B 36 12.75 22.32 1.78
N TYR B 37 12.52 21.13 1.20
CA TYR B 37 12.56 20.93 -0.24
C TYR B 37 11.17 20.90 -0.85
N CYS B 38 11.01 21.57 -1.97
CA CYS B 38 9.72 21.58 -2.63
C CYS B 38 9.94 21.98 -4.07
N PRO B 39 9.00 21.59 -4.95
CA PRO B 39 9.06 21.91 -6.37
C PRO B 39 9.20 23.44 -6.47
N ARG B 40 10.18 23.90 -7.22
CA ARG B 40 10.39 25.32 -7.39
C ARG B 40 9.19 26.01 -8.05
N HIS B 41 8.29 25.25 -8.68
CA HIS B 41 7.17 25.90 -9.34
C HIS B 41 6.14 26.44 -8.36
N VAL B 42 6.40 26.28 -7.07
CA VAL B 42 5.50 26.81 -6.07
C VAL B 42 5.47 28.33 -6.22
N ILE B 43 6.55 28.89 -6.74
CA ILE B 43 6.67 30.33 -6.93
C ILE B 43 6.03 30.82 -8.23
N CYS B 44 5.40 29.91 -8.96
CA CYS B 44 4.75 30.27 -10.21
C CYS B 44 3.25 30.59 -10.04
N THR B 45 2.81 31.72 -10.55
CA THR B 45 1.40 32.04 -10.49
C THR B 45 0.87 31.26 -11.70
N ALA B 46 -0.43 31.00 -11.74
CA ALA B 46 -1.01 30.24 -12.85
C ALA B 46 -0.44 30.64 -14.22
N GLU B 47 -0.51 31.92 -14.54
CA GLU B 47 0.00 32.40 -15.82
C GLU B 47 1.45 32.01 -16.07
N ASP B 48 2.34 32.38 -15.16
CA ASP B 48 3.76 32.07 -15.28
C ASP B 48 4.02 30.66 -15.79
N MET B 49 3.16 29.71 -15.40
CA MET B 49 3.32 28.32 -15.76
C MET B 49 3.38 27.95 -17.24
N LEU B 50 3.07 28.89 -18.12
CA LEU B 50 3.07 28.60 -19.54
C LEU B 50 4.46 28.69 -20.19
N ASN B 51 5.33 29.49 -19.59
CA ASN B 51 6.71 29.68 -20.06
C ASN B 51 7.42 30.57 -19.04
N PRO B 52 7.69 30.02 -17.85
CA PRO B 52 8.35 30.78 -16.80
C PRO B 52 9.87 30.70 -16.75
N ASN B 53 10.50 31.81 -16.39
CA ASN B 53 11.94 31.83 -16.25
C ASN B 53 12.10 31.84 -14.73
N TYR B 54 12.39 30.66 -14.19
CA TYR B 54 12.56 30.52 -12.76
C TYR B 54 13.69 31.41 -12.24
N GLU B 55 14.80 31.49 -12.97
CA GLU B 55 15.93 32.31 -12.56
C GLU B 55 15.44 33.73 -12.28
N ASP B 56 14.66 34.25 -13.22
CA ASP B 56 14.12 35.60 -13.16
C ASP B 56 12.98 35.72 -12.17
N LEU B 57 12.15 34.67 -12.07
CA LEU B 57 11.03 34.69 -11.13
C LEU B 57 11.53 34.65 -9.69
N LEU B 58 12.54 33.85 -9.44
CA LEU B 58 13.07 33.72 -8.08
C LEU B 58 13.81 34.95 -7.57
N ILE B 59 14.38 35.74 -8.48
CA ILE B 59 15.12 36.93 -8.06
C ILE B 59 14.19 37.89 -7.34
N ARG B 60 12.91 37.83 -7.68
CA ARG B 60 11.90 38.70 -7.09
C ARG B 60 11.36 38.32 -5.72
N LYS B 61 11.74 37.15 -5.24
CA LYS B 61 11.25 36.71 -3.95
C LYS B 61 12.27 36.98 -2.87
N SER B 62 11.80 36.88 -1.64
CA SER B 62 12.62 37.09 -0.46
C SER B 62 12.33 35.90 0.42
N ASN B 63 12.98 35.85 1.57
CA ASN B 63 12.76 34.76 2.49
C ASN B 63 11.35 34.84 3.03
N HIS B 64 10.89 36.05 3.35
CA HIS B 64 9.53 36.19 3.88
C HIS B 64 8.47 36.01 2.81
N SER B 65 8.91 35.84 1.56
CA SER B 65 7.99 35.62 0.44
C SER B 65 7.39 34.22 0.59
N PHE B 66 8.10 33.35 1.30
CA PHE B 66 7.66 31.97 1.51
C PHE B 66 7.06 31.76 2.90
N LEU B 67 6.00 30.95 2.95
CA LEU B 67 5.31 30.63 4.18
C LEU B 67 5.27 29.12 4.36
N VAL B 68 6.12 28.59 5.23
CA VAL B 68 6.12 27.16 5.46
C VAL B 68 5.47 26.87 6.81
N GLN B 69 4.69 25.79 6.86
CA GLN B 69 3.99 25.44 8.09
C GLN B 69 4.09 23.97 8.46
N ALA B 70 4.38 23.74 9.73
CA ALA B 70 4.45 22.40 10.30
C ALA B 70 3.13 22.30 11.07
N GLY B 71 2.15 21.63 10.49
CA GLY B 71 0.87 21.52 11.16
C GLY B 71 0.25 22.91 11.17
N ASN B 72 0.01 23.46 12.35
CA ASN B 72 -0.57 24.80 12.43
C ASN B 72 0.47 25.82 12.85
N VAL B 73 1.68 25.35 13.19
CA VAL B 73 2.75 26.26 13.56
C VAL B 73 3.55 26.62 12.30
N GLN B 74 3.93 27.88 12.20
CA GLN B 74 4.69 28.33 11.04
C GLN B 74 6.18 28.36 11.30
N LEU B 75 6.94 27.89 10.33
CA LEU B 75 8.38 27.87 10.43
C LEU B 75 8.88 29.06 9.64
N ARG B 76 9.92 29.70 10.16
CA ARG B 76 10.47 30.88 9.53
C ARG B 76 11.61 30.59 8.56
N VAL B 77 11.45 31.08 7.33
CA VAL B 77 12.44 30.90 6.26
C VAL B 77 13.55 31.95 6.39
N ILE B 78 14.78 31.49 6.62
CA ILE B 78 15.91 32.40 6.77
C ILE B 78 16.77 32.49 5.52
N GLY B 79 16.57 31.56 4.59
CA GLY B 79 17.35 31.57 3.38
C GLY B 79 16.74 30.69 2.32
N HIS B 80 16.98 31.01 1.06
CA HIS B 80 16.45 30.21 -0.03
C HIS B 80 17.48 30.03 -1.14
N SER B 81 17.45 28.87 -1.79
CA SER B 81 18.36 28.56 -2.88
C SER B 81 17.72 27.57 -3.83
N MET B 82 17.91 27.79 -5.13
CA MET B 82 17.33 26.91 -6.13
C MET B 82 18.38 25.93 -6.63
N GLN B 83 17.98 24.67 -6.73
CA GLN B 83 18.86 23.60 -7.22
C GLN B 83 18.10 22.79 -8.27
N ASN B 84 18.36 23.10 -9.54
CA ASN B 84 17.68 22.46 -10.65
C ASN B 84 16.19 22.78 -10.54
N CYS B 85 15.34 21.76 -10.53
CA CYS B 85 13.91 22.02 -10.42
C CYS B 85 13.39 22.06 -8.98
N LEU B 86 14.28 21.98 -8.00
CA LEU B 86 13.82 22.03 -6.62
C LEU B 86 14.00 23.40 -6.04
N LEU B 87 13.89 23.47 -4.73
CA LEU B 87 14.03 24.72 -4.03
C LEU B 87 14.41 24.36 -2.61
N ARG B 88 15.54 24.89 -2.15
CA ARG B 88 15.99 24.60 -0.80
C ARG B 88 15.81 25.83 0.08
N LEU B 89 14.78 25.77 0.93
CA LEU B 89 14.49 26.86 1.84
C LEU B 89 15.10 26.48 3.18
N LYS B 90 15.93 27.36 3.73
CA LYS B 90 16.54 27.08 5.03
C LYS B 90 15.59 27.71 6.04
N VAL B 91 15.41 27.06 7.20
CA VAL B 91 14.52 27.57 8.22
C VAL B 91 15.20 27.69 9.58
N ASP B 92 14.55 28.38 10.52
CA ASP B 92 15.14 28.57 11.85
C ASP B 92 14.99 27.37 12.78
N THR B 93 13.86 26.68 12.69
CA THR B 93 13.67 25.52 13.54
C THR B 93 14.30 24.29 12.88
N SER B 94 14.52 23.25 13.68
CA SER B 94 15.08 22.01 13.14
C SER B 94 14.11 20.88 13.47
N ASN B 95 13.82 20.05 12.48
CA ASN B 95 12.90 18.93 12.69
C ASN B 95 13.52 17.84 13.55
N PRO B 96 13.07 17.72 14.81
CA PRO B 96 13.63 16.70 15.69
C PRO B 96 13.25 15.29 15.23
N LYS B 97 12.24 15.20 14.36
CA LYS B 97 11.79 13.90 13.84
C LYS B 97 12.57 13.46 12.60
N THR B 98 13.46 14.31 12.10
CA THR B 98 14.24 13.96 10.91
C THR B 98 14.91 12.59 11.12
N PRO B 99 14.63 11.61 10.25
CA PRO B 99 15.22 10.28 10.36
C PRO B 99 16.56 10.20 9.65
N LYS B 100 17.21 9.03 9.72
CA LYS B 100 18.48 8.86 9.03
C LYS B 100 18.04 8.73 7.59
N TYR B 101 18.77 9.37 6.68
CA TYR B 101 18.37 9.35 5.29
C TYR B 101 19.49 9.57 4.27
N LYS B 102 19.14 9.33 3.01
CA LYS B 102 20.02 9.53 1.86
C LYS B 102 19.15 10.02 0.71
N PHE B 103 19.77 10.69 -0.25
CA PHE B 103 19.06 11.13 -1.45
C PHE B 103 19.55 10.17 -2.52
N VAL B 104 18.65 9.48 -3.21
CA VAL B 104 19.07 8.52 -4.22
C VAL B 104 18.32 8.59 -5.55
N ARG B 105 19.04 8.54 -6.65
CA ARG B 105 18.40 8.57 -7.96
C ARG B 105 18.21 7.12 -8.38
N ILE B 106 16.97 6.67 -8.47
CA ILE B 106 16.73 5.28 -8.84
C ILE B 106 16.73 5.06 -10.34
N GLN B 107 16.92 3.80 -10.72
CA GLN B 107 16.96 3.39 -12.11
C GLN B 107 15.61 2.87 -12.56
N PRO B 108 15.24 3.15 -13.82
CA PRO B 108 13.95 2.69 -14.37
C PRO B 108 13.74 1.21 -14.06
N GLY B 109 12.51 0.86 -13.70
CA GLY B 109 12.22 -0.53 -13.37
C GLY B 109 12.15 -0.79 -11.87
N GLN B 110 12.78 0.07 -11.08
CA GLN B 110 12.76 -0.12 -9.63
C GLN B 110 11.46 0.34 -8.98
N THR B 111 11.28 -0.09 -7.74
CA THR B 111 10.07 0.24 -6.99
C THR B 111 10.34 1.14 -5.78
N PHE B 112 9.29 1.77 -5.29
CA PHE B 112 9.40 2.64 -4.12
C PHE B 112 8.04 2.99 -3.56
N SER B 113 8.03 3.51 -2.34
CA SER B 113 6.79 3.87 -1.67
C SER B 113 6.57 5.36 -1.81
N VAL B 114 5.32 5.74 -2.09
CA VAL B 114 4.92 7.14 -2.24
C VAL B 114 3.93 7.55 -1.14
N LEU B 115 4.22 8.66 -0.45
CA LEU B 115 3.30 9.13 0.58
C LEU B 115 2.50 10.31 0.02
N ALA B 116 1.28 10.05 -0.43
CA ALA B 116 0.43 11.09 -1.01
C ALA B 116 -0.04 12.07 0.05
N CYS B 117 0.25 13.36 -0.19
CA CYS B 117 -0.11 14.44 0.73
C CYS B 117 -0.85 15.59 0.08
N TYR B 118 -1.60 16.32 0.91
CA TYR B 118 -2.38 17.47 0.47
C TYR B 118 -2.28 18.54 1.55
N ASN B 119 -1.59 19.63 1.24
CA ASN B 119 -1.40 20.72 2.19
C ASN B 119 -0.52 20.29 3.36
N GLY B 120 0.57 19.59 3.05
CA GLY B 120 1.48 19.11 4.09
C GLY B 120 0.91 18.02 4.98
N SER B 121 -0.31 17.57 4.70
CA SER B 121 -0.95 16.53 5.49
C SER B 121 -1.02 15.21 4.73
N PRO B 122 -0.46 14.13 5.31
CA PRO B 122 -0.43 12.79 4.73
C PRO B 122 -1.80 12.16 4.56
N SER B 123 -2.09 11.68 3.35
CA SER B 123 -3.39 11.08 3.02
C SER B 123 -3.36 9.56 2.79
N GLY B 124 -2.24 9.07 2.29
CA GLY B 124 -2.14 7.64 2.03
C GLY B 124 -0.81 7.21 1.46
N VAL B 125 -0.56 5.92 1.55
CA VAL B 125 0.69 5.36 1.03
C VAL B 125 0.46 4.19 0.08
N TYR B 126 1.27 4.14 -0.97
CA TYR B 126 1.17 3.06 -1.94
C TYR B 126 2.53 2.74 -2.55
N GLN B 127 2.69 1.48 -2.94
CA GLN B 127 3.90 0.98 -3.55
C GLN B 127 3.76 1.01 -5.06
N CYS B 128 4.78 1.51 -5.75
CA CYS B 128 4.74 1.59 -7.20
C CYS B 128 6.10 1.44 -7.88
N ALA B 129 6.09 1.33 -9.20
CA ALA B 129 7.33 1.19 -9.94
C ALA B 129 7.64 2.35 -10.85
N MET B 130 8.93 2.66 -10.95
CA MET B 130 9.42 3.71 -11.83
C MET B 130 9.34 3.08 -13.22
N ARG B 131 8.33 3.49 -13.99
CA ARG B 131 8.15 2.93 -15.32
C ARG B 131 9.38 3.08 -16.21
N PRO B 132 9.50 2.21 -17.22
CA PRO B 132 10.64 2.27 -18.15
C PRO B 132 10.73 3.62 -18.86
N ASN B 133 9.56 4.18 -19.18
CA ASN B 133 9.50 5.49 -19.85
C ASN B 133 9.67 6.65 -18.87
N HIS B 134 10.16 6.33 -17.68
CA HIS B 134 10.44 7.31 -16.64
C HIS B 134 9.26 7.96 -15.93
N THR B 135 8.05 7.53 -16.21
CA THR B 135 6.87 8.08 -15.53
C THR B 135 6.44 7.05 -14.50
N ILE B 136 5.52 7.45 -13.64
CA ILE B 136 5.01 6.55 -12.61
C ILE B 136 3.50 6.55 -12.72
N LYS B 137 2.93 5.36 -12.88
CA LYS B 137 1.49 5.24 -12.99
C LYS B 137 0.90 5.42 -11.59
N GLY B 138 0.73 6.68 -11.20
CA GLY B 138 0.19 6.97 -9.89
C GLY B 138 -1.04 7.83 -10.02
N SER B 139 -2.13 7.22 -10.49
CA SER B 139 -3.39 7.92 -10.68
C SER B 139 -3.71 8.81 -9.47
N PHE B 140 -3.02 8.54 -8.35
CA PHE B 140 -3.23 9.32 -7.13
C PHE B 140 -2.17 10.35 -6.80
N LEU B 141 -2.38 11.56 -7.33
CA LEU B 141 -1.48 12.69 -7.11
C LEU B 141 -2.19 13.92 -7.65
N ASN B 142 -3.49 14.04 -7.34
CA ASN B 142 -4.30 15.16 -7.82
C ASN B 142 -4.21 16.45 -6.98
N GLY B 143 -3.02 17.03 -6.89
CA GLY B 143 -2.83 18.24 -6.12
C GLY B 143 -1.85 17.99 -4.99
N SER B 144 -1.08 16.92 -5.15
CA SER B 144 -0.10 16.50 -4.15
C SER B 144 1.37 16.78 -4.49
N CYS B 145 1.64 17.78 -5.33
CA CYS B 145 3.03 18.07 -5.66
C CYS B 145 3.82 18.26 -4.37
N GLY B 146 5.07 17.82 -4.40
CA GLY B 146 5.88 17.92 -3.20
C GLY B 146 5.83 16.62 -2.43
N SER B 147 4.92 15.73 -2.81
CA SER B 147 4.83 14.42 -2.17
C SER B 147 6.10 13.68 -2.58
N VAL B 148 6.59 12.78 -1.75
CA VAL B 148 7.82 12.07 -2.08
C VAL B 148 7.78 10.55 -2.14
N GLY B 149 8.74 10.00 -2.88
CA GLY B 149 8.90 8.57 -3.05
C GLY B 149 10.12 8.16 -2.24
N PHE B 150 10.11 6.95 -1.67
CA PHE B 150 11.22 6.53 -0.83
C PHE B 150 11.28 5.03 -0.60
N ASN B 151 12.40 4.58 -0.05
CA ASN B 151 12.62 3.18 0.29
C ASN B 151 13.19 3.20 1.69
N ILE B 152 12.98 2.13 2.45
CA ILE B 152 13.51 2.08 3.80
C ILE B 152 14.32 0.83 4.05
N ASP B 153 15.63 1.01 4.20
CA ASP B 153 16.54 -0.09 4.45
C ASP B 153 16.86 -0.08 5.93
N TYR B 154 16.19 -0.96 6.67
CA TYR B 154 16.38 -1.02 8.11
C TYR B 154 15.85 0.23 8.82
N ASP B 155 16.72 1.21 9.06
CA ASP B 155 16.30 2.42 9.75
C ASP B 155 16.61 3.68 8.98
N CYS B 156 17.24 3.52 7.82
CA CYS B 156 17.59 4.67 6.98
C CYS B 156 16.58 4.81 5.86
N VAL B 157 16.20 6.06 5.58
CA VAL B 157 15.25 6.34 4.53
C VAL B 157 15.97 6.89 3.31
N SER B 158 15.71 6.29 2.15
CA SER B 158 16.33 6.75 0.92
C SER B 158 15.25 7.40 0.06
N PHE B 159 15.29 8.73 -0.01
CA PHE B 159 14.33 9.49 -0.79
C PHE B 159 14.80 9.46 -2.23
N CYS B 160 13.89 9.08 -3.13
CA CYS B 160 14.22 9.00 -4.54
C CYS B 160 13.27 9.76 -5.46
N TYR B 161 12.15 10.25 -4.92
CA TYR B 161 11.19 10.91 -5.78
C TYR B 161 10.42 12.08 -5.18
N MET B 162 10.14 13.07 -6.02
CA MET B 162 9.36 14.19 -5.61
C MET B 162 8.42 14.47 -6.74
N HIS B 163 7.13 14.44 -6.45
CA HIS B 163 6.12 14.67 -7.47
C HIS B 163 6.13 16.12 -7.93
N HIS B 164 6.00 16.31 -9.25
CA HIS B 164 6.02 17.62 -9.88
C HIS B 164 4.90 17.88 -10.89
N MET B 165 4.55 16.88 -11.72
CA MET B 165 3.53 17.07 -12.77
C MET B 165 2.52 15.96 -13.07
N GLU B 166 1.45 16.36 -13.76
CA GLU B 166 0.36 15.47 -14.16
C GLU B 166 0.29 15.16 -15.65
N LEU B 167 1.44 15.04 -16.29
CA LEU B 167 1.54 14.73 -17.73
C LEU B 167 0.22 14.27 -18.35
N PRO B 168 -0.49 15.15 -19.07
CA PRO B 168 -1.76 14.78 -19.72
C PRO B 168 -1.60 13.62 -20.68
N THR B 169 -1.77 12.43 -20.12
CA THR B 169 -1.67 11.13 -20.78
C THR B 169 -1.75 10.27 -19.53
N GLY B 170 -2.44 10.79 -18.52
CA GLY B 170 -2.54 10.10 -17.26
C GLY B 170 -1.10 10.09 -16.77
N VAL B 171 -0.79 9.23 -15.83
CA VAL B 171 0.57 9.08 -15.31
C VAL B 171 1.21 10.38 -14.84
N HIS B 172 2.27 10.26 -14.05
CA HIS B 172 2.95 11.44 -13.52
C HIS B 172 4.46 11.45 -13.62
N ALA B 173 5.02 12.65 -13.71
CA ALA B 173 6.46 12.84 -13.83
C ALA B 173 7.01 13.57 -12.61
N GLY B 174 8.22 13.20 -12.22
CA GLY B 174 8.80 13.83 -11.05
C GLY B 174 10.28 14.07 -11.12
N THR B 175 10.83 14.37 -9.96
CA THR B 175 12.24 14.70 -9.81
C THR B 175 12.92 13.84 -8.73
N ASP B 176 14.24 13.83 -8.70
CA ASP B 176 14.93 13.10 -7.63
C ASP B 176 15.11 14.17 -6.53
N LEU B 177 15.56 13.79 -5.34
CA LEU B 177 15.72 14.80 -4.28
C LEU B 177 16.87 15.77 -4.50
N GLU B 178 17.28 15.89 -5.76
CA GLU B 178 18.35 16.80 -6.10
C GLU B 178 17.83 17.73 -7.19
N GLY B 179 16.56 17.56 -7.53
CA GLY B 179 15.96 18.43 -8.53
C GLY B 179 15.99 17.99 -9.98
N LYS B 180 16.82 17.01 -10.33
CA LYS B 180 16.90 16.55 -11.72
C LYS B 180 15.72 15.68 -12.08
N PHE B 181 15.06 16.02 -13.17
CA PHE B 181 13.89 15.29 -13.64
C PHE B 181 14.15 13.85 -14.06
N TYR B 182 13.10 13.03 -13.91
CA TYR B 182 13.15 11.65 -14.33
C TYR B 182 12.45 11.71 -15.68
N GLY B 183 13.15 11.35 -16.75
CA GLY B 183 12.54 11.40 -18.06
C GLY B 183 12.79 12.75 -18.74
N PRO B 184 12.42 12.89 -20.02
CA PRO B 184 12.58 14.09 -20.84
C PRO B 184 11.52 15.17 -20.55
N PHE B 185 11.23 15.41 -19.28
CA PHE B 185 10.21 16.40 -18.91
C PHE B 185 10.75 17.67 -18.27
N VAL B 186 9.95 18.73 -18.32
CA VAL B 186 10.31 20.01 -17.73
C VAL B 186 9.16 20.66 -16.94
N ASP B 187 9.52 21.56 -16.03
CA ASP B 187 8.59 22.32 -15.17
C ASP B 187 7.75 23.28 -15.99
N ARG B 188 6.88 22.80 -16.86
CA ARG B 188 6.13 23.74 -17.65
C ARG B 188 4.79 23.22 -18.12
N GLN B 189 3.80 24.11 -18.17
CA GLN B 189 2.45 23.76 -18.62
C GLN B 189 2.37 23.61 -20.14
N THR B 190 3.32 22.88 -20.72
CA THR B 190 3.31 22.68 -22.16
C THR B 190 3.21 21.23 -22.57
N ALA B 191 2.25 20.93 -23.44
CA ALA B 191 2.01 19.59 -23.93
C ALA B 191 3.29 18.75 -24.07
N GLN B 192 3.38 17.72 -23.24
CA GLN B 192 4.51 16.79 -23.22
C GLN B 192 3.93 15.39 -23.21
N ALA B 193 4.58 14.47 -23.90
CA ALA B 193 4.09 13.11 -23.94
C ALA B 193 5.05 12.16 -23.26
N ALA B 194 4.50 11.10 -22.69
CA ALA B 194 5.30 10.08 -22.04
C ALA B 194 5.84 9.18 -23.14
N GLY B 195 7.17 8.97 -23.17
CA GLY B 195 7.76 8.13 -24.20
C GLY B 195 7.17 6.73 -24.22
N THR B 196 7.51 5.96 -25.26
CA THR B 196 7.01 4.59 -25.36
C THR B 196 7.41 3.85 -24.11
N ASP B 197 6.50 3.02 -23.61
CA ASP B 197 6.77 2.27 -22.41
C ASP B 197 6.85 0.78 -22.74
N THR B 198 7.51 0.01 -21.87
CA THR B 198 7.63 -1.42 -22.04
C THR B 198 7.27 -2.12 -20.73
N THR B 199 7.13 -3.43 -20.78
CA THR B 199 6.83 -4.19 -19.57
C THR B 199 8.19 -4.49 -18.95
N ILE B 200 8.25 -4.52 -17.62
CA ILE B 200 9.50 -4.77 -16.93
C ILE B 200 9.77 -6.26 -16.78
N THR B 201 10.37 -6.82 -17.83
CA THR B 201 10.72 -8.23 -17.90
C THR B 201 11.41 -8.77 -16.64
N LEU B 202 12.38 -8.03 -16.13
CA LEU B 202 13.08 -8.48 -14.93
C LEU B 202 12.10 -8.81 -13.81
N ASN B 203 11.21 -7.86 -13.51
CA ASN B 203 10.22 -8.03 -12.45
C ASN B 203 9.20 -9.14 -12.70
N VAL B 204 8.76 -9.31 -13.95
CA VAL B 204 7.78 -10.35 -14.25
C VAL B 204 8.34 -11.73 -13.93
N LEU B 205 9.66 -11.90 -14.13
CA LEU B 205 10.28 -13.16 -13.82
C LEU B 205 10.34 -13.32 -12.32
N ALA B 206 10.69 -12.25 -11.61
CA ALA B 206 10.75 -12.29 -10.16
C ALA B 206 9.39 -12.69 -9.61
N TRP B 207 8.35 -12.17 -10.26
CA TRP B 207 6.98 -12.45 -9.87
C TRP B 207 6.68 -13.93 -10.01
N LEU B 208 7.01 -14.51 -11.17
CA LEU B 208 6.78 -15.92 -11.42
C LEU B 208 7.49 -16.76 -10.35
N TYR B 209 8.73 -16.39 -10.00
CA TYR B 209 9.47 -17.10 -8.97
C TYR B 209 8.71 -17.05 -7.66
N ALA B 210 8.10 -15.90 -7.37
CA ALA B 210 7.32 -15.72 -6.15
C ALA B 210 6.16 -16.72 -6.12
N ALA B 211 5.48 -16.89 -7.25
CA ALA B 211 4.38 -17.85 -7.30
C ALA B 211 4.92 -19.25 -7.04
N VAL B 212 6.13 -19.51 -7.50
CA VAL B 212 6.75 -20.82 -7.30
C VAL B 212 7.14 -21.02 -5.84
N ILE B 213 7.74 -19.99 -5.24
CA ILE B 213 8.13 -20.08 -3.84
C ILE B 213 6.88 -20.24 -3.00
N ASN B 214 5.78 -19.70 -3.52
CA ASN B 214 4.51 -19.77 -2.83
C ASN B 214 3.68 -21.00 -3.13
N GLY B 215 4.29 -21.95 -3.83
CA GLY B 215 3.58 -23.19 -4.13
C GLY B 215 2.72 -23.23 -5.39
N ASP B 216 3.12 -22.51 -6.45
CA ASP B 216 2.38 -22.55 -7.69
C ASP B 216 3.35 -22.94 -8.80
N ARG B 217 3.00 -23.94 -9.60
CA ARG B 217 3.87 -24.44 -10.67
C ARG B 217 3.26 -24.71 -12.04
N TRP B 218 1.95 -24.56 -12.18
CA TRP B 218 1.27 -24.87 -13.44
C TRP B 218 1.83 -24.26 -14.72
N PHE B 219 2.47 -23.10 -14.63
CA PHE B 219 3.00 -22.43 -15.82
C PHE B 219 4.39 -22.88 -16.30
N LEU B 220 5.05 -23.76 -15.55
CA LEU B 220 6.36 -24.27 -15.93
C LEU B 220 6.25 -25.28 -17.09
N ASN B 221 7.34 -25.50 -17.82
CA ASN B 221 7.33 -26.45 -18.93
C ASN B 221 8.64 -27.24 -19.06
N ARG B 222 8.68 -28.15 -20.03
CA ARG B 222 9.85 -28.99 -20.27
C ARG B 222 10.95 -28.31 -21.09
N PHE B 223 10.71 -27.08 -21.51
CA PHE B 223 11.69 -26.36 -22.33
C PHE B 223 12.69 -25.48 -21.61
N THR B 224 13.56 -24.91 -22.43
CA THR B 224 14.59 -23.99 -21.99
C THR B 224 14.87 -23.12 -23.19
N THR B 225 15.61 -22.03 -22.98
CA THR B 225 15.90 -21.13 -24.06
C THR B 225 17.18 -20.36 -23.81
N THR B 226 17.73 -19.79 -24.88
CA THR B 226 18.94 -19.00 -24.77
C THR B 226 18.43 -17.58 -24.61
N LEU B 227 19.26 -16.72 -24.06
CA LEU B 227 18.88 -15.33 -23.88
C LEU B 227 18.33 -14.73 -25.16
N ASN B 228 19.09 -14.91 -26.24
CA ASN B 228 18.76 -14.37 -27.55
C ASN B 228 17.39 -14.79 -28.07
N ASP B 229 17.13 -16.10 -28.07
CA ASP B 229 15.86 -16.61 -28.56
C ASP B 229 14.71 -16.10 -27.71
N PHE B 230 14.95 -15.93 -26.41
CA PHE B 230 13.93 -15.42 -25.52
C PHE B 230 13.55 -13.99 -25.91
N ASN B 231 14.56 -13.15 -26.11
CA ASN B 231 14.32 -11.76 -26.48
C ASN B 231 13.58 -11.61 -27.80
N LEU B 232 13.97 -12.42 -28.79
CA LEU B 232 13.34 -12.40 -30.09
C LEU B 232 11.82 -12.55 -29.95
N VAL B 233 11.41 -13.23 -28.88
CA VAL B 233 9.98 -13.44 -28.62
C VAL B 233 9.40 -12.31 -27.78
N ALA B 234 9.93 -12.16 -26.58
CA ALA B 234 9.50 -11.16 -25.62
C ALA B 234 9.42 -9.75 -26.21
N MET B 235 10.33 -9.43 -27.13
CA MET B 235 10.36 -8.11 -27.75
C MET B 235 9.19 -7.87 -28.69
N LYS B 236 8.49 -8.95 -29.02
CA LYS B 236 7.34 -8.84 -29.90
C LYS B 236 6.14 -8.41 -29.07
N TYR B 237 6.17 -8.75 -27.79
CA TYR B 237 5.07 -8.42 -26.90
C TYR B 237 5.30 -7.15 -26.08
N ASN B 238 6.32 -6.39 -26.49
CA ASN B 238 6.66 -5.12 -25.85
C ASN B 238 7.42 -5.20 -24.53
N TYR B 239 8.08 -6.33 -24.29
CA TYR B 239 8.84 -6.52 -23.07
C TYR B 239 10.25 -5.95 -23.14
N GLU B 240 10.71 -5.32 -22.06
CA GLU B 240 12.07 -4.78 -22.02
C GLU B 240 13.04 -5.91 -22.41
N PRO B 241 14.05 -5.61 -23.22
CA PRO B 241 14.99 -6.66 -23.59
C PRO B 241 15.68 -7.17 -22.32
N LEU B 242 15.95 -8.48 -22.24
CA LEU B 242 16.61 -9.05 -21.08
C LEU B 242 18.10 -9.19 -21.36
N THR B 243 18.92 -8.84 -20.37
CA THR B 243 20.38 -8.90 -20.49
C THR B 243 20.97 -9.88 -19.49
N GLN B 244 22.24 -10.22 -19.68
CA GLN B 244 22.93 -11.12 -18.77
C GLN B 244 22.87 -10.57 -17.35
N ASP B 245 23.00 -9.26 -17.21
CA ASP B 245 22.93 -8.62 -15.89
C ASP B 245 21.60 -8.98 -15.21
N HIS B 246 20.51 -8.88 -15.96
CA HIS B 246 19.21 -9.22 -15.39
C HIS B 246 19.23 -10.67 -14.89
N VAL B 247 19.73 -11.57 -15.73
CA VAL B 247 19.83 -12.98 -15.37
C VAL B 247 20.64 -13.16 -14.10
N ASP B 248 21.80 -12.51 -14.00
CA ASP B 248 22.61 -12.67 -12.78
C ASP B 248 21.75 -12.33 -11.57
N ILE B 249 21.13 -11.16 -11.60
CA ILE B 249 20.28 -10.69 -10.53
C ILE B 249 19.32 -11.77 -10.04
N LEU B 250 18.64 -12.43 -10.97
CA LEU B 250 17.69 -13.49 -10.62
C LEU B 250 18.43 -14.66 -9.96
N GLY B 251 19.74 -14.48 -9.78
CA GLY B 251 20.58 -15.51 -9.18
C GLY B 251 20.06 -16.19 -7.93
N PRO B 252 19.91 -15.46 -6.82
CA PRO B 252 19.39 -16.09 -5.59
C PRO B 252 18.05 -16.79 -5.78
N LEU B 253 17.04 -16.08 -6.29
CA LEU B 253 15.72 -16.68 -6.49
C LEU B 253 15.81 -18.03 -7.20
N SER B 254 16.56 -18.07 -8.29
CA SER B 254 16.76 -19.30 -9.05
C SER B 254 17.30 -20.40 -8.12
N ALA B 255 18.34 -20.06 -7.37
CA ALA B 255 18.95 -21.00 -6.44
C ALA B 255 17.89 -21.52 -5.46
N GLN B 256 17.12 -20.61 -4.89
CA GLN B 256 16.09 -20.98 -3.93
C GLN B 256 15.02 -21.92 -4.48
N THR B 257 14.51 -21.61 -5.67
CA THR B 257 13.46 -22.43 -6.28
C THR B 257 13.95 -23.63 -7.08
N GLY B 258 15.26 -23.71 -7.32
CA GLY B 258 15.79 -24.83 -8.08
C GLY B 258 15.42 -24.77 -9.55
N ILE B 259 15.02 -23.60 -10.02
CA ILE B 259 14.65 -23.41 -11.41
C ILE B 259 15.61 -22.42 -12.05
N ALA B 260 16.18 -22.81 -13.18
CA ALA B 260 17.15 -21.97 -13.90
C ALA B 260 16.50 -20.76 -14.55
N VAL B 261 17.19 -19.63 -14.48
CA VAL B 261 16.70 -18.40 -15.06
C VAL B 261 16.20 -18.61 -16.48
N LEU B 262 17.03 -19.28 -17.28
CA LEU B 262 16.69 -19.53 -18.65
C LEU B 262 15.50 -20.48 -18.78
N ASP B 263 15.31 -21.35 -17.79
CA ASP B 263 14.17 -22.24 -17.87
C ASP B 263 12.91 -21.42 -17.60
N MET B 264 12.93 -20.64 -16.52
CA MET B 264 11.80 -19.80 -16.19
C MET B 264 11.46 -18.94 -17.41
N CYS B 265 12.50 -18.44 -18.07
CA CYS B 265 12.31 -17.61 -19.26
C CYS B 265 11.48 -18.39 -20.29
N ALA B 266 11.77 -19.68 -20.42
CA ALA B 266 11.05 -20.52 -21.36
C ALA B 266 9.57 -20.58 -20.97
N ALA B 267 9.29 -20.48 -19.67
CA ALA B 267 7.92 -20.49 -19.16
C ALA B 267 7.19 -19.21 -19.60
N LEU B 268 7.83 -18.08 -19.33
CA LEU B 268 7.27 -16.77 -19.68
C LEU B 268 6.98 -16.74 -21.18
N LYS B 269 7.97 -17.15 -21.98
CA LYS B 269 7.84 -17.19 -23.42
C LYS B 269 6.53 -17.87 -23.81
N GLU B 270 6.28 -19.01 -23.16
CA GLU B 270 5.06 -19.79 -23.42
C GLU B 270 3.81 -19.02 -22.99
N LEU B 271 3.89 -18.37 -21.82
CA LEU B 271 2.76 -17.59 -21.31
C LEU B 271 2.42 -16.44 -22.24
N LEU B 272 3.44 -15.79 -22.80
CA LEU B 272 3.23 -14.68 -23.70
C LEU B 272 2.61 -15.19 -25.01
N GLN B 273 3.01 -16.38 -25.42
CA GLN B 273 2.51 -16.96 -26.66
C GLN B 273 1.13 -17.60 -26.54
N ASN B 274 0.87 -18.27 -25.42
CA ASN B 274 -0.42 -18.94 -25.25
C ASN B 274 -1.40 -18.31 -24.26
N GLY B 275 -1.05 -17.17 -23.69
CA GLY B 275 -1.95 -16.55 -22.74
C GLY B 275 -2.12 -17.45 -21.53
N MET B 276 -2.83 -16.96 -20.52
CA MET B 276 -3.03 -17.72 -19.29
C MET B 276 -4.21 -18.69 -19.29
N ASN B 277 -5.09 -18.57 -20.28
CA ASN B 277 -6.25 -19.46 -20.38
C ASN B 277 -7.11 -19.41 -19.12
N GLY B 278 -7.65 -18.25 -18.83
CA GLY B 278 -8.51 -18.12 -17.65
C GLY B 278 -7.92 -18.65 -16.37
N ARG B 279 -6.61 -18.89 -16.37
CA ARG B 279 -5.95 -19.38 -15.17
C ARG B 279 -5.33 -18.16 -14.50
N THR B 280 -5.10 -18.25 -13.19
CA THR B 280 -4.48 -17.14 -12.49
C THR B 280 -3.10 -17.53 -11.97
N ILE B 281 -2.34 -16.52 -11.52
CA ILE B 281 -1.01 -16.72 -10.98
C ILE B 281 -0.87 -15.74 -9.82
N LEU B 282 -0.67 -16.27 -8.62
CA LEU B 282 -0.53 -15.41 -7.46
C LEU B 282 -1.75 -14.47 -7.47
N GLY B 283 -2.91 -15.05 -7.75
CA GLY B 283 -4.15 -14.30 -7.78
C GLY B 283 -4.43 -13.41 -8.99
N SER B 284 -3.40 -13.06 -9.75
CA SER B 284 -3.60 -12.19 -10.90
C SER B 284 -4.12 -12.90 -12.14
N THR B 285 -4.62 -12.12 -13.09
CA THR B 285 -5.11 -12.63 -14.38
C THR B 285 -4.15 -12.17 -15.47
N ILE B 286 -3.27 -11.24 -15.11
CA ILE B 286 -2.27 -10.74 -16.04
C ILE B 286 -0.91 -10.78 -15.35
N LEU B 287 0.15 -10.68 -16.13
CA LEU B 287 1.51 -10.75 -15.57
C LEU B 287 1.87 -9.46 -14.82
N GLU B 288 2.30 -9.62 -13.57
CA GLU B 288 2.68 -8.50 -12.73
C GLU B 288 4.15 -8.11 -12.95
N ASP B 289 4.44 -6.81 -12.93
CA ASP B 289 5.83 -6.39 -13.12
C ASP B 289 6.26 -5.23 -12.23
N GLU B 290 5.55 -4.99 -11.13
CA GLU B 290 5.92 -3.92 -10.21
C GLU B 290 6.45 -4.49 -8.91
N PHE B 291 7.11 -5.64 -9.03
CA PHE B 291 7.74 -6.33 -7.92
C PHE B 291 9.16 -6.65 -8.39
N THR B 292 10.15 -6.07 -7.73
CA THR B 292 11.52 -6.33 -8.11
C THR B 292 12.01 -7.67 -7.52
N PRO B 293 13.16 -8.17 -8.01
CA PRO B 293 13.67 -9.43 -7.47
C PRO B 293 13.88 -9.22 -5.96
N PHE B 294 14.28 -8.00 -5.61
CA PHE B 294 14.52 -7.62 -4.22
C PHE B 294 13.23 -7.64 -3.40
N ASP B 295 12.16 -7.11 -3.96
CA ASP B 295 10.86 -7.09 -3.26
C ASP B 295 10.37 -8.51 -2.99
N VAL B 296 10.62 -9.40 -3.93
CA VAL B 296 10.21 -10.78 -3.79
C VAL B 296 11.02 -11.43 -2.66
N VAL B 297 12.34 -11.37 -2.78
CA VAL B 297 13.24 -11.93 -1.77
C VAL B 297 12.90 -11.39 -0.38
N ARG B 298 12.50 -10.14 -0.34
CA ARG B 298 12.17 -9.43 0.88
C ARG B 298 10.85 -9.81 1.54
N GLN B 299 9.83 -10.10 0.75
CA GLN B 299 8.52 -10.45 1.30
C GLN B 299 8.25 -11.93 1.39
N CYS B 300 8.94 -12.73 0.58
CA CYS B 300 8.72 -14.15 0.62
C CYS B 300 9.62 -14.83 1.63
N SER B 301 10.53 -14.06 2.23
CA SER B 301 11.45 -14.59 3.22
C SER B 301 11.35 -13.84 4.53
N GLY B 302 11.54 -12.52 4.45
CA GLY B 302 11.48 -11.69 5.63
C GLY B 302 12.87 -11.25 6.04
N ASN C 1 -2.36 -25.14 9.13
CA ASN C 1 -2.84 -24.12 10.10
C ASN C 1 -1.69 -23.70 11.01
N SER C 2 -0.88 -22.75 10.56
CA SER C 2 0.24 -22.28 11.37
C SER C 2 -0.18 -21.25 12.41
N THR C 3 0.32 -21.41 13.64
CA THR C 3 -0.03 -20.50 14.72
C THR C 3 1.19 -20.00 15.52
N LEU C 4 1.83 -18.97 14.99
CA LEU C 4 3.00 -18.34 15.60
C LEU C 4 3.27 -17.18 14.66
N GLN C 5 2.91 -17.45 13.40
CA GLN C 5 3.01 -16.57 12.24
C GLN C 5 3.14 -15.07 12.51
C1 0QE C 6 1.07 -15.16 13.08
N ASN D 1 -1.86 19.11 -22.13
CA ASN D 1 -1.35 20.37 -21.50
C ASN D 1 -0.85 20.02 -20.09
N SER D 2 0.41 19.58 -19.99
CA SER D 2 0.99 19.21 -18.70
C SER D 2 0.54 20.09 -17.53
N THR D 3 -0.02 19.46 -16.50
CA THR D 3 -0.50 20.17 -15.32
C THR D 3 0.38 19.94 -14.08
N LEU D 4 0.53 20.97 -13.26
CA LEU D 4 1.36 20.89 -12.06
C LEU D 4 0.55 20.98 -10.76
N GLN D 5 1.25 21.21 -9.68
CA GLN D 5 0.83 21.33 -8.28
C GLN D 5 0.27 20.02 -7.76
C1 0QE D 6 1.48 18.77 -8.68
N ASN E 1 20.85 49.93 7.66
CA ASN E 1 20.75 49.14 8.85
C ASN E 1 20.61 47.61 8.58
N SER E 2 19.38 47.16 8.77
CA SER E 2 18.95 45.82 8.60
C SER E 2 18.12 45.63 7.31
N THR E 3 18.49 44.64 6.48
CA THR E 3 17.75 44.37 5.24
C THR E 3 16.82 43.22 5.55
N LEU E 4 15.51 43.45 5.45
CA LEU E 4 14.55 42.38 5.74
C LEU E 4 14.58 41.36 4.61
N GLN E 5 15.32 40.28 4.83
CA GLN E 5 15.44 39.23 3.82
C GLN E 5 14.26 38.29 3.93
#